data_2JHD
#
_entry.id   2JHD
#
_cell.length_a   66.132
_cell.length_b   66.132
_cell.length_c   172.681
_cell.angle_alpha   90.00
_cell.angle_beta   90.00
_cell.angle_gamma   90.00
#
_symmetry.space_group_name_H-M   'P 43 21 2'
#
loop_
_entity.id
_entity.type
_entity.pdbx_description
1 polymer 'MICRONEMAL PROTEIN 1'
2 branched 'N-acetyl-alpha-neuraminic acid-(2-3)-beta-D-galactopyranose'
3 non-polymer 'ACETATE ION'
4 non-polymer 'CHLORIDE ION'
5 non-polymer GLYCEROL
6 water water
#
_entity_poly.entity_id   1
_entity_poly.type   'polypeptide(L)'
_entity_poly.pdbx_seq_one_letter_code
;VGPEAYGEASHSHSPASGRYIQQ(MSE)LDQRCQEIAAELCQSGLRK(MSE)CVPSSRIVARNAVGITHQNTLQWRCFDT
ASLLESNQENNGVNCVDDCGHTIPCPGGVHRQNSNHATRHEILSKLVEEGVQRFCSPYQASANKYCNDKFPGTIARRSKG
FGNNVEVAWRCYEKASLLYSVYAECASNCGTTWYCPGGRRGTSTELDKRHYTEEEGIRQAIGSVDSPCSEVEVCLPKDEN
PPLCLDESGQISRT
;
_entity_poly.pdbx_strand_id   A
#
loop_
_chem_comp.id
_chem_comp.type
_chem_comp.name
_chem_comp.formula
ACT non-polymer 'ACETATE ION' 'C2 H3 O2 -1'
CL non-polymer 'CHLORIDE ION' 'Cl -1'
GAL D-saccharide, beta linking beta-D-galactopyranose 'C6 H12 O6'
GOL non-polymer GLYCEROL 'C3 H8 O3'
SIA D-saccharide, alpha linking 'N-acetyl-alpha-neuraminic acid' 'C11 H19 N O9'
#
# COMPACT_ATOMS: atom_id res chain seq x y z
N HIS A 13 -16.36 -10.65 8.58
CA HIS A 13 -16.22 -9.17 8.22
C HIS A 13 -15.43 -8.33 9.24
N SER A 14 -14.15 -8.20 8.91
CA SER A 14 -13.20 -7.44 9.68
C SER A 14 -13.32 -5.96 9.19
N PRO A 15 -13.19 -4.96 10.11
CA PRO A 15 -13.20 -3.53 9.66
C PRO A 15 -11.80 -3.14 9.14
N ALA A 16 -11.38 -3.80 8.06
CA ALA A 16 -10.02 -3.78 7.62
C ALA A 16 -9.99 -3.75 6.10
N SER A 17 -8.97 -3.15 5.55
CA SER A 17 -8.73 -3.21 4.14
C SER A 17 -8.61 -4.64 3.62
N GLY A 18 -9.22 -4.89 2.46
CA GLY A 18 -9.08 -6.17 1.79
C GLY A 18 -7.80 -6.31 0.96
N ARG A 19 -7.07 -5.22 0.74
CA ARG A 19 -5.83 -5.24 -0.08
C ARG A 19 -6.08 -5.79 -1.47
N TYR A 20 -7.22 -5.39 -2.00
CA TYR A 20 -7.72 -5.80 -3.30
C TYR A 20 -6.83 -5.34 -4.47
N ILE A 21 -6.18 -4.20 -4.34
CA ILE A 21 -5.36 -3.69 -5.42
C ILE A 21 -4.14 -4.59 -5.52
N GLN A 22 -3.48 -4.84 -4.41
CA GLN A 22 -2.35 -5.73 -4.42
C GLN A 22 -2.69 -7.09 -5.00
N GLN A 23 -3.82 -7.63 -4.58
CA GLN A 23 -4.38 -8.87 -5.07
C GLN A 23 -4.57 -8.93 -6.59
N MSE A 24 -5.14 -7.88 -7.17
CA MSE A 24 -5.23 -7.75 -8.62
C MSE A 24 -3.84 -7.77 -9.26
O MSE A 24 -3.59 -8.55 -10.19
CB MSE A 24 -5.97 -6.47 -9.00
CG MSE A 24 -7.34 -6.33 -8.36
SE MSE A 24 -8.44 -4.97 -9.23
CE MSE A 24 -7.39 -3.39 -8.75
N LEU A 25 -2.96 -6.92 -8.77
CA LEU A 25 -1.60 -6.86 -9.30
C LEU A 25 -0.93 -8.22 -9.26
N ASP A 26 -1.05 -8.99 -8.17
CA ASP A 26 -0.37 -10.30 -8.14
C ASP A 26 -0.98 -11.22 -9.23
N GLN A 27 -2.32 -11.19 -9.37
CA GLN A 27 -3.00 -12.04 -10.33
C GLN A 27 -2.60 -11.68 -11.78
N ARG A 28 -2.54 -10.38 -12.07
CA ARG A 28 -2.13 -9.90 -13.34
C ARG A 28 -0.69 -10.33 -13.60
N CYS A 29 0.19 -10.15 -12.61
CA CYS A 29 1.54 -10.74 -12.67
C CYS A 29 1.64 -12.21 -12.94
N GLN A 30 0.83 -13.04 -12.29
CA GLN A 30 0.76 -14.51 -12.57
C GLN A 30 0.41 -14.87 -14.07
N GLU A 31 -0.51 -14.11 -14.62
CA GLU A 31 -0.85 -14.14 -16.02
C GLU A 31 0.30 -13.79 -16.94
N ILE A 32 1.01 -12.70 -16.67
CA ILE A 32 2.17 -12.27 -17.42
C ILE A 32 3.28 -13.28 -17.36
N ALA A 33 3.57 -13.82 -16.17
CA ALA A 33 4.58 -14.89 -16.06
C ALA A 33 4.20 -16.10 -16.92
N ALA A 34 2.91 -16.47 -16.90
CA ALA A 34 2.40 -17.62 -17.70
C ALA A 34 2.56 -17.38 -19.20
N GLU A 35 2.28 -16.16 -19.67
CA GLU A 35 2.47 -15.73 -21.06
CA GLU A 35 2.48 -15.73 -21.07
C GLU A 35 3.93 -15.76 -21.48
N LEU A 36 4.79 -15.22 -20.64
CA LEU A 36 6.22 -15.28 -20.89
C LEU A 36 6.77 -16.69 -21.00
N CYS A 37 6.29 -17.58 -20.14
CA CYS A 37 6.68 -18.99 -20.20
C CYS A 37 6.23 -19.62 -21.55
N GLN A 38 5.02 -19.27 -22.00
CA GLN A 38 4.53 -19.75 -23.29
C GLN A 38 5.38 -19.21 -24.42
N SER A 39 5.99 -18.03 -24.21
CA SER A 39 6.92 -17.48 -25.16
C SER A 39 8.32 -18.09 -25.05
N GLY A 40 8.54 -18.99 -24.10
CA GLY A 40 9.82 -19.72 -24.05
C GLY A 40 10.68 -19.26 -22.91
N LEU A 41 10.22 -18.25 -22.14
CA LEU A 41 11.08 -17.72 -21.09
C LEU A 41 11.04 -18.66 -19.86
N ARG A 42 11.95 -19.62 -19.89
CA ARG A 42 11.98 -20.78 -18.98
C ARG A 42 11.85 -20.47 -17.48
N LYS A 43 12.61 -19.48 -17.03
CA LYS A 43 12.57 -19.00 -15.67
C LYS A 43 11.20 -18.50 -15.20
N MSE A 44 10.27 -18.23 -16.12
CA MSE A 44 8.93 -17.80 -15.77
C MSE A 44 7.91 -18.91 -15.72
O MSE A 44 6.71 -18.64 -15.53
CB MSE A 44 8.45 -16.63 -16.69
CG MSE A 44 9.05 -15.25 -16.36
SE MSE A 44 8.48 -14.62 -14.53
CE MSE A 44 10.07 -13.49 -14.17
N CYS A 45 8.35 -20.15 -15.88
CA CYS A 45 7.47 -21.28 -15.88
C CYS A 45 7.32 -21.85 -14.47
N VAL A 46 6.48 -21.22 -13.68
CA VAL A 46 6.41 -21.47 -12.25
C VAL A 46 4.95 -21.52 -11.82
N PRO A 47 4.66 -22.22 -10.73
CA PRO A 47 3.30 -22.06 -10.20
C PRO A 47 2.99 -20.64 -9.78
N SER A 48 1.72 -20.36 -9.66
CA SER A 48 1.20 -19.08 -9.28
C SER A 48 1.70 -18.60 -7.92
N SER A 49 1.94 -19.56 -7.00
CA SER A 49 2.33 -19.28 -5.61
C SER A 49 3.67 -18.58 -5.61
N ARG A 50 4.40 -18.67 -6.72
CA ARG A 50 5.72 -18.08 -6.79
C ARG A 50 5.76 -16.67 -7.38
N ILE A 51 4.64 -16.08 -7.74
CA ILE A 51 4.70 -14.79 -8.42
C ILE A 51 3.88 -13.77 -7.66
N VAL A 52 4.47 -12.57 -7.50
CA VAL A 52 3.80 -11.43 -6.89
C VAL A 52 4.20 -10.16 -7.66
N ALA A 53 3.42 -9.09 -7.55
CA ALA A 53 3.81 -7.77 -8.00
C ALA A 53 4.48 -7.00 -6.81
N ARG A 54 5.67 -6.39 -7.03
CA ARG A 54 6.31 -5.48 -6.05
C ARG A 54 6.73 -4.22 -6.78
N ASN A 55 6.66 -3.12 -6.09
CA ASN A 55 7.20 -1.90 -6.57
C ASN A 55 8.61 -1.72 -5.94
N ALA A 56 9.66 -1.74 -6.78
CA ALA A 56 11.00 -1.95 -6.25
C ALA A 56 12.01 -1.59 -7.32
N VAL A 57 13.27 -1.43 -6.89
CA VAL A 57 14.42 -1.48 -7.83
C VAL A 57 14.43 -2.88 -8.54
N GLY A 58 15.18 -3.03 -9.64
CA GLY A 58 15.38 -4.30 -10.28
C GLY A 58 16.82 -4.79 -10.16
N ILE A 59 17.35 -5.34 -11.24
CA ILE A 59 18.77 -5.67 -11.27
C ILE A 59 19.61 -4.39 -11.32
N THR A 60 20.94 -4.56 -11.31
CA THR A 60 21.86 -3.42 -11.29
C THR A 60 21.57 -2.51 -12.54
N HIS A 61 21.54 -1.19 -12.32
CA HIS A 61 21.15 -0.17 -13.34
C HIS A 61 19.64 0.06 -13.46
N GLN A 62 18.85 -0.88 -12.91
CA GLN A 62 17.39 -0.69 -12.81
C GLN A 62 17.13 -0.06 -11.43
N ASN A 63 17.41 1.23 -11.35
CA ASN A 63 17.54 1.88 -10.05
C ASN A 63 16.35 2.68 -9.66
N THR A 64 15.33 2.76 -10.51
CA THR A 64 14.20 3.53 -10.08
C THR A 64 13.12 2.53 -9.54
N LEU A 65 12.11 3.07 -8.86
CA LEU A 65 11.02 2.23 -8.38
C LEU A 65 10.03 2.00 -9.50
N GLN A 66 9.76 0.74 -9.77
CA GLN A 66 8.85 0.34 -10.86
C GLN A 66 8.06 -0.85 -10.40
N TRP A 67 6.85 -1.00 -10.92
CA TRP A 67 6.09 -2.21 -10.80
C TRP A 67 6.65 -3.32 -11.68
N ARG A 68 7.06 -4.44 -11.04
CA ARG A 68 7.60 -5.64 -11.68
C ARG A 68 6.93 -6.87 -11.08
N CYS A 69 6.88 -7.95 -11.89
CA CYS A 69 6.41 -9.25 -11.52
C CYS A 69 7.59 -10.07 -11.04
N PHE A 70 7.58 -10.47 -9.78
CA PHE A 70 8.75 -11.12 -9.22
C PHE A 70 8.51 -12.56 -8.99
N ASP A 71 9.47 -13.38 -9.32
CA ASP A 71 9.54 -14.72 -8.75
C ASP A 71 10.00 -14.60 -7.25
N THR A 72 9.11 -14.93 -6.29
CA THR A 72 9.46 -14.88 -4.85
C THR A 72 10.67 -15.74 -4.41
N ALA A 73 10.98 -16.82 -5.16
CA ALA A 73 12.17 -17.61 -4.88
C ALA A 73 13.46 -16.84 -5.15
N SER A 74 13.38 -15.69 -5.84
CA SER A 74 14.58 -14.91 -6.18
C SER A 74 14.67 -13.69 -5.26
N LEU A 75 13.63 -13.47 -4.46
CA LEU A 75 13.62 -12.36 -3.50
C LEU A 75 14.54 -12.69 -2.27
N LEU A 76 15.29 -11.72 -1.76
CA LEU A 76 15.95 -11.92 -0.45
C LEU A 76 14.94 -11.79 0.70
N GLU A 77 15.26 -12.43 1.83
CA GLU A 77 14.41 -12.42 3.03
C GLU A 77 14.37 -11.03 3.69
N SER A 78 15.43 -10.27 3.52
CA SER A 78 15.45 -8.90 4.05
C SER A 78 16.18 -7.98 3.08
N ASN A 79 16.08 -6.68 3.29
CA ASN A 79 16.90 -5.77 2.49
C ASN A 79 18.05 -5.09 3.25
N GLN A 80 19.02 -4.56 2.50
CA GLN A 80 19.97 -3.59 3.04
C GLN A 80 19.58 -2.16 2.53
N GLU A 81 19.91 -1.91 1.26
N GLU A 81 19.79 -1.87 1.24
CA GLU A 81 19.58 -0.66 0.56
CA GLU A 81 19.41 -0.55 0.67
C GLU A 81 20.34 -0.65 -0.76
C GLU A 81 18.07 0.12 1.09
N ASN A 82 19.78 -0.01 -1.79
N ASN A 82 17.45 0.82 0.14
CA ASN A 82 18.45 0.61 -1.69
CA ASN A 82 17.87 0.78 -1.24
C ASN A 82 17.33 -0.30 -2.20
C ASN A 82 17.03 -0.28 -1.96
N ASN A 83 17.38 -1.57 -1.72
CA ASN A 83 16.74 -2.74 -2.35
C ASN A 83 15.50 -3.41 -1.70
N GLY A 84 14.73 -2.66 -0.93
CA GLY A 84 13.51 -3.21 -0.32
C GLY A 84 12.37 -3.28 -1.34
N VAL A 85 11.40 -4.16 -1.14
CA VAL A 85 10.24 -4.24 -2.07
C VAL A 85 9.06 -3.51 -1.43
N ASN A 86 8.15 -2.99 -2.23
CA ASN A 86 7.00 -2.32 -1.74
C ASN A 86 5.72 -2.99 -2.26
N CYS A 87 4.70 -3.01 -1.41
CA CYS A 87 3.36 -3.43 -1.79
CA CYS A 87 3.37 -3.43 -1.79
C CYS A 87 2.50 -2.18 -1.81
N VAL A 88 1.23 -2.33 -2.15
CA VAL A 88 0.37 -1.15 -2.35
C VAL A 88 -0.93 -1.23 -1.52
N ASP A 89 -1.35 -0.10 -0.96
CA ASP A 89 -2.58 -0.13 -0.13
C ASP A 89 -3.76 0.20 -1.05
N ASP A 90 -4.99 0.24 -0.54
CA ASP A 90 -6.14 0.39 -1.40
C ASP A 90 -6.43 1.83 -1.76
N CYS A 91 -5.52 2.73 -1.39
CA CYS A 91 -5.50 4.09 -1.94
C CYS A 91 -4.37 4.34 -2.96
N GLY A 92 -3.61 3.31 -3.27
CA GLY A 92 -2.61 3.39 -4.34
C GLY A 92 -1.22 3.79 -3.88
N HIS A 93 -0.99 3.80 -2.57
CA HIS A 93 0.32 4.08 -2.01
C HIS A 93 1.14 2.86 -1.76
N THR A 94 2.40 2.95 -2.16
CA THR A 94 3.35 1.87 -2.05
C THR A 94 4.07 2.00 -0.73
N ILE A 95 4.23 0.86 -0.03
CA ILE A 95 4.60 0.82 1.35
C ILE A 95 5.50 -0.37 1.48
N PRO A 96 6.64 -0.23 2.21
CA PRO A 96 7.51 -1.41 2.39
C PRO A 96 6.83 -2.64 2.83
N CYS A 97 7.20 -3.74 2.18
CA CYS A 97 6.74 -5.01 2.68
CA CYS A 97 6.68 -5.10 2.40
C CYS A 97 7.92 -5.94 2.72
N PRO A 98 7.74 -7.12 3.34
CA PRO A 98 8.94 -7.95 3.57
C PRO A 98 9.65 -8.42 2.32
N GLY A 99 10.98 -8.39 2.35
CA GLY A 99 11.72 -8.95 1.24
C GLY A 99 12.73 -7.98 0.68
N GLY A 100 13.62 -8.46 -0.18
CA GLY A 100 14.55 -7.56 -0.82
C GLY A 100 14.88 -8.06 -2.22
N VAL A 101 15.28 -7.13 -3.08
CA VAL A 101 15.71 -7.46 -4.43
C VAL A 101 17.16 -7.92 -4.49
N HIS A 102 17.41 -9.08 -5.06
CA HIS A 102 18.77 -9.47 -5.34
C HIS A 102 19.23 -8.80 -6.63
N ARG A 103 20.11 -7.82 -6.53
CA ARG A 103 20.45 -6.97 -7.67
C ARG A 103 21.16 -7.71 -8.83
N GLN A 104 21.75 -8.87 -8.56
CA GLN A 104 22.35 -9.63 -9.65
C GLN A 104 21.44 -10.73 -10.13
N ASN A 105 20.71 -11.32 -9.19
CA ASN A 105 19.95 -12.55 -9.46
C ASN A 105 18.45 -12.45 -9.46
N SER A 106 17.88 -11.26 -9.31
CA SER A 106 16.42 -11.13 -9.33
C SER A 106 15.88 -11.84 -10.62
N ASN A 107 14.76 -12.53 -10.49
CA ASN A 107 13.96 -13.09 -11.60
C ASN A 107 12.65 -12.33 -11.62
N HIS A 108 12.50 -11.37 -12.53
CA HIS A 108 11.33 -10.50 -12.57
C HIS A 108 11.02 -10.03 -14.00
N ALA A 109 9.85 -9.42 -14.17
CA ALA A 109 9.52 -8.77 -15.43
C ALA A 109 8.92 -7.44 -15.09
N THR A 110 9.54 -6.39 -15.56
CA THR A 110 9.09 -5.06 -15.30
C THR A 110 7.90 -4.84 -16.15
N ARG A 111 6.80 -4.40 -15.51
CA ARG A 111 5.53 -4.18 -16.18
C ARG A 111 4.87 -2.92 -15.72
N HIS A 112 5.64 -1.86 -15.74
CA HIS A 112 5.24 -0.66 -15.03
C HIS A 112 3.95 -0.01 -15.48
N GLU A 113 3.70 0.02 -16.79
CA GLU A 113 2.51 0.72 -17.30
C GLU A 113 1.21 -0.03 -17.02
N ILE A 114 1.19 -1.34 -17.24
CA ILE A 114 0.01 -2.16 -17.06
CA ILE A 114 -0.07 -2.00 -17.04
C ILE A 114 -0.37 -2.16 -15.56
N LEU A 115 0.65 -2.33 -14.74
CA LEU A 115 0.47 -2.45 -13.31
C LEU A 115 0.03 -1.12 -12.67
N SER A 116 0.67 0.00 -13.05
CA SER A 116 0.24 1.36 -12.67
C SER A 116 -1.20 1.64 -13.05
N LYS A 117 -1.58 1.21 -14.25
CA LYS A 117 -2.95 1.40 -14.72
C LYS A 117 -3.97 0.62 -13.85
N LEU A 118 -3.68 -0.65 -13.53
CA LEU A 118 -4.51 -1.39 -12.59
C LEU A 118 -4.59 -0.71 -11.21
N VAL A 119 -3.50 -0.13 -10.72
CA VAL A 119 -3.57 0.61 -9.46
C VAL A 119 -4.59 1.76 -9.55
N GLU A 120 -4.51 2.56 -10.61
CA GLU A 120 -5.43 3.66 -10.82
C GLU A 120 -6.85 3.20 -10.92
N GLU A 121 -7.08 2.08 -11.57
CA GLU A 121 -8.44 1.52 -11.54
C GLU A 121 -8.90 1.08 -10.17
N GLY A 122 -8.00 0.44 -9.43
CA GLY A 122 -8.30 -0.07 -8.11
C GLY A 122 -8.56 1.11 -7.15
N VAL A 123 -7.85 2.23 -7.31
CA VAL A 123 -8.08 3.41 -6.43
C VAL A 123 -9.54 3.94 -6.51
N GLN A 124 -10.14 3.94 -7.69
CA GLN A 124 -11.53 4.38 -7.84
C GLN A 124 -12.48 3.44 -7.13
N ARG A 125 -12.25 2.15 -7.22
CA ARG A 125 -13.07 1.17 -6.53
C ARG A 125 -12.90 1.20 -4.98
N PHE A 126 -11.65 1.24 -4.47
CA PHE A 126 -11.38 0.87 -3.10
C PHE A 126 -10.95 1.94 -2.10
N CYS A 127 -10.62 3.15 -2.56
CA CYS A 127 -9.98 4.15 -1.71
C CYS A 127 -11.11 4.96 -1.02
N SER A 128 -11.07 5.05 0.29
CA SER A 128 -12.03 5.79 1.04
C SER A 128 -11.83 7.28 0.74
N PRO A 129 -12.91 7.97 0.35
CA PRO A 129 -12.83 9.40 0.11
C PRO A 129 -12.33 10.14 1.38
N TYR A 130 -12.64 9.60 2.56
CA TYR A 130 -12.16 10.16 3.83
C TYR A 130 -10.68 9.93 4.03
N GLN A 131 -10.20 8.75 3.65
CA GLN A 131 -8.76 8.49 3.73
C GLN A 131 -8.04 9.33 2.64
N ALA A 132 -8.60 9.43 1.44
CA ALA A 132 -8.02 10.22 0.37
C ALA A 132 -7.79 11.68 0.79
N SER A 133 -8.78 12.31 1.41
CA SER A 133 -8.62 13.62 2.00
C SER A 133 -7.55 13.69 3.09
N ALA A 134 -7.48 12.70 3.98
CA ALA A 134 -6.43 12.66 4.98
C ALA A 134 -5.06 12.59 4.34
N ASN A 135 -4.90 11.68 3.35
CA ASN A 135 -3.66 11.59 2.56
C ASN A 135 -3.29 12.87 1.76
N LYS A 136 -4.29 13.52 1.15
CA LYS A 136 -4.08 14.77 0.39
C LYS A 136 -3.52 15.89 1.28
N TYR A 137 -4.13 16.06 2.46
CA TYR A 137 -3.66 17.01 3.43
C TYR A 137 -2.21 16.73 3.78
N CYS A 138 -1.91 15.46 4.04
CA CYS A 138 -0.55 15.04 4.39
C CYS A 138 0.45 15.28 3.27
N ASN A 139 0.04 14.98 2.02
CA ASN A 139 0.94 15.07 0.89
C ASN A 139 1.18 16.54 0.52
N ASP A 140 0.12 17.35 0.51
CA ASP A 140 0.25 18.78 0.36
C ASP A 140 1.29 19.36 1.30
N LYS A 141 1.20 19.03 2.59
CA LYS A 141 2.04 19.64 3.60
C LYS A 141 3.44 19.02 3.68
N PHE A 142 3.55 17.70 3.51
CA PHE A 142 4.82 16.98 3.63
C PHE A 142 4.88 15.94 2.49
N PRO A 143 5.43 16.35 1.33
CA PRO A 143 5.37 15.50 0.12
C PRO A 143 5.79 14.05 0.37
N GLY A 144 5.03 13.11 -0.17
CA GLY A 144 5.38 11.71 -0.02
C GLY A 144 4.94 11.05 1.28
N THR A 145 4.07 11.72 2.05
CA THR A 145 3.59 11.14 3.29
C THR A 145 2.13 10.77 3.11
N ILE A 146 1.70 9.85 3.96
CA ILE A 146 0.29 9.47 4.03
C ILE A 146 -0.18 9.41 5.49
N ALA A 147 -1.51 9.46 5.71
CA ALA A 147 -2.09 9.51 7.03
C ALA A 147 -2.40 8.08 7.61
N ARG A 148 -1.93 7.81 8.83
CA ARG A 148 -2.36 6.71 9.68
C ARG A 148 -2.56 7.26 11.08
N ARG A 149 -3.42 6.60 11.86
CA ARG A 149 -3.42 6.77 13.28
C ARG A 149 -2.63 5.63 13.87
N SER A 150 -1.36 5.90 14.14
CA SER A 150 -0.46 4.82 14.55
C SER A 150 0.63 5.33 15.54
N LYS A 151 1.64 4.49 15.81
CA LYS A 151 2.67 4.73 16.80
C LYS A 151 3.71 5.72 16.30
N GLY A 152 4.47 6.28 17.25
CA GLY A 152 5.53 7.24 16.93
C GLY A 152 6.84 6.64 17.35
N PHE A 153 7.77 7.52 17.65
CA PHE A 153 9.11 7.09 17.98
C PHE A 153 9.20 6.53 19.40
N GLY A 154 9.68 5.31 19.55
CA GLY A 154 10.04 4.80 20.85
C GLY A 154 8.88 4.63 21.83
N ASN A 155 7.68 4.37 21.32
CA ASN A 155 6.48 4.23 22.16
C ASN A 155 5.51 3.35 21.37
N ASN A 156 5.38 2.11 21.81
CA ASN A 156 4.58 1.11 21.18
C ASN A 156 3.11 1.03 21.69
N VAL A 157 2.64 2.08 22.39
CA VAL A 157 1.24 2.12 22.85
C VAL A 157 0.50 3.24 22.19
N GLU A 158 1.04 4.44 22.29
CA GLU A 158 0.23 5.59 21.93
C GLU A 158 0.05 5.74 20.40
N VAL A 159 -1.17 6.10 19.99
CA VAL A 159 -1.46 6.29 18.59
C VAL A 159 -2.00 7.70 18.44
N ALA A 160 -1.77 8.30 17.28
CA ALA A 160 -2.24 9.62 16.95
C ALA A 160 -2.23 9.67 15.43
N TRP A 161 -3.08 10.50 14.86
CA TRP A 161 -3.04 10.83 13.46
C TRP A 161 -1.73 11.58 13.07
N ARG A 162 -1.01 11.00 12.11
CA ARG A 162 0.24 11.58 11.63
C ARG A 162 0.40 11.39 10.13
N CYS A 163 1.19 12.30 9.56
CA CYS A 163 1.71 12.20 8.24
C CYS A 163 2.98 11.40 8.31
N TYR A 164 2.96 10.18 7.76
CA TYR A 164 4.11 9.25 7.82
C TYR A 164 4.75 9.18 6.44
N GLU A 165 6.09 9.19 6.42
CA GLU A 165 6.85 8.87 5.25
C GLU A 165 6.69 7.41 5.01
N LYS A 166 6.26 7.10 3.79
CA LYS A 166 5.93 5.72 3.39
C LYS A 166 7.01 4.72 3.65
N ALA A 167 8.30 5.10 3.49
CA ALA A 167 9.42 4.19 3.76
C ALA A 167 9.54 3.79 5.26
N SER A 168 8.98 4.62 6.15
CA SER A 168 8.93 4.28 7.58
C SER A 168 7.79 3.31 8.00
N LEU A 169 6.80 3.09 7.13
CA LEU A 169 5.67 2.16 7.40
C LEU A 169 6.00 0.76 7.02
N LEU A 170 5.23 -0.14 7.61
CA LEU A 170 5.36 -1.57 7.40
C LEU A 170 4.02 -2.09 6.89
N TYR A 171 4.07 -2.74 5.74
CA TYR A 171 2.86 -3.20 5.10
C TYR A 171 2.24 -4.30 5.92
N SER A 172 3.07 -5.15 6.52
CA SER A 172 2.54 -6.28 7.29
C SER A 172 1.92 -5.87 8.65
N VAL A 173 2.05 -4.60 9.05
CA VAL A 173 1.42 -4.10 10.29
C VAL A 173 0.17 -3.30 9.92
N TYR A 174 -0.97 -3.72 10.42
CA TYR A 174 -2.19 -2.96 10.18
C TYR A 174 -2.25 -1.80 11.20
N ALA A 175 -2.67 -0.62 10.77
CA ALA A 175 -2.81 0.52 11.59
C ALA A 175 -4.14 1.19 11.19
N GLU A 176 -4.70 1.97 12.12
CA GLU A 176 -5.94 2.68 11.89
C GLU A 176 -5.88 3.66 10.75
N CYS A 177 -6.97 3.69 10.01
CA CYS A 177 -7.20 4.56 8.88
C CYS A 177 -8.68 4.98 8.88
N ALA A 178 -9.08 5.84 7.96
CA ALA A 178 -10.48 6.21 7.84
C ALA A 178 -11.29 5.28 6.84
N SER A 179 -12.38 4.69 7.31
CA SER A 179 -13.29 3.92 6.48
C SER A 179 -14.03 4.88 5.57
N ASN A 180 -14.81 4.35 4.63
CA ASN A 180 -15.52 5.21 3.72
C ASN A 180 -16.81 5.75 4.33
N CYS A 181 -16.94 5.70 5.64
CA CYS A 181 -17.99 6.47 6.33
C CYS A 181 -17.30 7.47 7.29
N GLY A 182 -15.97 7.55 7.24
CA GLY A 182 -15.20 8.36 8.17
C GLY A 182 -15.19 7.81 9.58
N THR A 183 -15.15 6.47 9.74
CA THR A 183 -15.15 5.77 11.02
C THR A 183 -13.90 4.91 11.09
N THR A 184 -13.72 4.23 12.18
CA THR A 184 -12.54 3.40 12.44
C THR A 184 -12.41 2.30 11.40
N TRP A 185 -11.20 2.15 10.89
CA TRP A 185 -10.86 1.13 9.89
C TRP A 185 -9.39 0.86 10.12
N TYR A 186 -8.91 -0.26 9.62
CA TYR A 186 -7.49 -0.67 9.71
C TYR A 186 -6.97 -1.02 8.29
N CYS A 187 -5.74 -0.57 8.01
CA CYS A 187 -5.15 -0.59 6.70
C CYS A 187 -3.77 -1.18 6.88
N PRO A 188 -3.23 -1.87 5.86
CA PRO A 188 -1.80 -2.21 5.89
C PRO A 188 -0.96 -0.92 5.86
N GLY A 189 0.23 -0.99 6.43
CA GLY A 189 1.06 0.19 6.53
C GLY A 189 0.90 0.85 7.90
N GLY A 190 1.67 0.38 8.86
CA GLY A 190 1.66 0.91 10.23
C GLY A 190 3.03 0.85 10.86
N ARG A 191 3.11 1.28 12.11
CA ARG A 191 4.37 1.40 12.87
C ARG A 191 4.34 0.46 14.06
N ARG A 192 5.51 -0.01 14.50
CA ARG A 192 5.59 -0.78 15.71
C ARG A 192 5.89 0.13 16.95
N GLY A 193 6.23 1.41 16.74
CA GLY A 193 6.67 2.29 17.82
C GLY A 193 8.03 1.87 18.39
N THR A 194 8.88 1.27 17.57
CA THR A 194 10.24 0.92 17.96
C THR A 194 11.12 2.16 17.96
N SER A 195 12.40 1.98 18.25
CA SER A 195 13.30 3.15 18.39
C SER A 195 14.35 3.29 17.28
N THR A 196 13.98 3.08 16.02
CA THR A 196 14.95 3.17 14.93
C THR A 196 14.87 4.52 14.27
N GLU A 197 15.84 4.81 13.40
CA GLU A 197 15.86 6.09 12.67
C GLU A 197 14.57 6.31 11.85
N LEU A 198 14.12 5.27 11.13
CA LEU A 198 12.84 5.30 10.37
C LEU A 198 11.61 5.64 11.24
N ASP A 199 11.63 5.18 12.49
CA ASP A 199 10.57 5.45 13.45
C ASP A 199 10.39 6.93 13.78
N LYS A 200 11.28 7.79 13.30
CA LYS A 200 11.14 9.24 13.50
C LYS A 200 10.50 9.96 12.34
N ARG A 201 10.32 9.28 11.22
CA ARG A 201 9.94 9.93 9.96
C ARG A 201 8.42 10.13 9.79
N HIS A 202 7.89 11.08 10.55
CA HIS A 202 6.47 11.41 10.53
C HIS A 202 6.29 12.77 11.14
N TYR A 203 5.09 13.32 10.97
CA TYR A 203 4.68 14.60 11.45
C TYR A 203 3.28 14.40 12.01
N THR A 204 3.15 14.56 13.34
CA THR A 204 1.88 14.45 14.03
C THR A 204 1.03 15.67 13.71
N GLU A 205 -0.22 15.42 13.35
CA GLU A 205 -1.06 16.43 12.74
C GLU A 205 -2.48 16.15 13.09
N GLU A 206 -2.73 15.94 14.37
CA GLU A 206 -4.05 15.59 14.84
C GLU A 206 -5.14 16.54 14.34
N GLU A 207 -4.95 17.84 14.49
CA GLU A 207 -6.02 18.76 14.06
C GLU A 207 -6.18 18.84 12.55
N GLY A 208 -5.05 18.94 11.86
CA GLY A 208 -5.09 19.07 10.41
C GLY A 208 -5.77 17.85 9.77
N ILE A 209 -5.32 16.67 10.17
CA ILE A 209 -5.87 15.40 9.60
C ILE A 209 -7.36 15.23 9.94
N ARG A 210 -7.74 15.55 11.17
CA ARG A 210 -9.12 15.41 11.57
C ARG A 210 -10.04 16.33 10.85
N GLN A 211 -9.57 17.54 10.59
CA GLN A 211 -10.36 18.52 9.84
C GLN A 211 -10.38 18.09 8.38
N ALA A 212 -9.27 17.56 7.87
CA ALA A 212 -9.31 17.03 6.48
C ALA A 212 -10.36 15.95 6.41
N ILE A 213 -10.37 15.05 7.42
CA ILE A 213 -11.35 13.95 7.47
C ILE A 213 -12.77 14.49 7.63
N GLY A 214 -12.94 15.47 8.53
CA GLY A 214 -14.24 16.08 8.81
C GLY A 214 -14.85 16.82 7.64
N SER A 215 -14.04 17.32 6.73
CA SER A 215 -14.49 18.15 5.60
C SER A 215 -15.05 17.38 4.37
N VAL A 216 -15.07 16.04 4.43
CA VAL A 216 -15.47 15.23 3.28
C VAL A 216 -16.97 15.13 3.33
N ASP A 217 -17.63 15.18 2.18
CA ASP A 217 -19.09 15.01 2.15
C ASP A 217 -19.55 13.59 2.37
N SER A 218 -20.55 13.43 3.22
CA SER A 218 -21.13 12.11 3.44
C SER A 218 -21.67 11.54 2.14
N PRO A 219 -21.46 10.24 1.92
CA PRO A 219 -22.12 9.55 0.81
C PRO A 219 -23.58 9.21 1.10
N CYS A 220 -24.07 9.58 2.29
CA CYS A 220 -25.46 9.30 2.70
C CYS A 220 -26.14 10.60 3.11
N SER A 221 -27.48 10.57 3.03
CA SER A 221 -28.40 11.64 3.48
C SER A 221 -28.06 11.95 4.91
N GLU A 222 -28.46 13.13 5.38
CA GLU A 222 -28.15 13.54 6.75
C GLU A 222 -29.03 12.66 7.62
N VAL A 223 -29.97 11.97 6.94
CA VAL A 223 -30.96 11.16 7.64
C VAL A 223 -30.69 9.63 7.66
N GLU A 224 -29.90 9.14 6.68
CA GLU A 224 -29.38 7.76 6.57
C GLU A 224 -28.22 7.41 7.57
N VAL A 225 -28.01 6.11 7.81
CA VAL A 225 -26.85 5.63 8.59
C VAL A 225 -25.88 4.99 7.59
N CYS A 226 -24.64 5.41 7.71
CA CYS A 226 -23.57 4.95 6.84
C CYS A 226 -22.89 3.76 7.51
N LEU A 227 -22.91 2.61 6.84
CA LEU A 227 -22.16 1.45 7.31
C LEU A 227 -20.98 1.22 6.36
N PRO A 228 -19.75 1.36 6.86
CA PRO A 228 -18.59 1.28 5.91
C PRO A 228 -18.40 -0.08 5.25
N LYS A 229 -17.71 -0.07 4.11
CA LYS A 229 -17.41 -1.28 3.39
C LYS A 229 -15.99 -1.21 2.82
N ASP A 230 -15.43 -2.37 2.49
CA ASP A 230 -14.07 -2.42 1.93
C ASP A 230 -14.04 -2.12 0.44
N GLU A 231 -15.17 -1.63 -0.12
CA GLU A 231 -15.24 -1.10 -1.47
C GLU A 231 -16.25 0.03 -1.50
N ASN A 232 -16.03 1.03 -2.36
CA ASN A 232 -16.96 2.12 -2.51
C ASN A 232 -18.17 1.69 -3.38
N PRO A 233 -19.41 2.18 -3.07
CA PRO A 233 -19.75 3.10 -1.98
C PRO A 233 -20.04 2.31 -0.66
N PRO A 234 -20.06 2.97 0.53
CA PRO A 234 -20.58 2.23 1.73
C PRO A 234 -22.09 1.99 1.63
N LEU A 235 -22.64 1.15 2.52
CA LEU A 235 -24.08 0.98 2.73
C LEU A 235 -24.71 2.23 3.37
N CYS A 236 -25.77 2.77 2.76
CA CYS A 236 -26.61 3.80 3.38
C CYS A 236 -28.00 3.27 3.73
N LEU A 237 -28.36 3.32 5.00
CA LEU A 237 -29.65 2.82 5.43
C LEU A 237 -30.42 3.92 6.12
N ASP A 238 -31.72 3.96 5.86
CA ASP A 238 -32.63 4.87 6.59
C ASP A 238 -32.50 4.80 8.12
N GLU A 239 -32.50 5.98 8.77
CA GLU A 239 -32.36 6.10 10.25
C GLU A 239 -33.47 5.38 11.05
C1 GAL B . 6.28 18.70 19.32
C2 GAL B . 7.23 17.59 18.82
C3 GAL B . 6.53 16.74 17.73
C4 GAL B . 5.11 16.32 18.10
C5 GAL B . 4.30 17.44 18.74
C6 GAL B . 3.02 16.81 19.31
O1 GAL B . 6.83 19.55 20.37
O2 GAL B . 8.47 18.07 18.26
O3 GAL B . 7.27 15.54 17.54
O4 GAL B . 5.17 15.17 18.97
O5 GAL B . 5.06 18.06 19.78
O6 GAL B . 2.03 16.92 18.31
C1 SIA B . 6.07 14.60 15.68
C2 SIA B . 7.44 15.04 16.18
C3 SIA B . 8.46 13.90 16.21
C4 SIA B . 8.94 13.56 14.80
C5 SIA B . 9.39 14.81 14.00
C6 SIA B . 8.22 15.78 14.00
C7 SIA B . 8.42 17.09 13.23
C8 SIA B . 7.15 17.93 12.93
C9 SIA B . 5.86 17.65 13.71
C10 SIA B . 10.85 14.30 12.00
C11 SIA B . 12.12 14.57 12.77
N5 SIA B . 9.65 14.42 12.60
O1A SIA B . 5.38 15.36 14.98
O1B SIA B . 5.62 13.54 16.01
O4 SIA B . 9.94 12.51 14.83
O6 SIA B . 7.94 16.11 15.36
O7 SIA B . 9.45 17.85 13.86
O8 SIA B . 7.42 19.35 12.92
O9 SIA B . 4.76 18.32 13.05
O10 SIA B . 10.92 13.97 10.83
C ACT C . 8.29 4.25 -0.81
O ACT C . 8.36 3.18 -0.13
OXT ACT C . 7.16 4.53 -1.30
CH3 ACT C . 9.48 5.15 -1.05
CL CL D . -5.66 0.28 2.57
C1 GOL E . -8.89 1.98 1.37
O1 GOL E . -9.58 3.12 1.78
C2 GOL E . -9.37 0.75 2.15
O2 GOL E . -8.74 0.71 3.39
C3 GOL E . -10.86 0.60 2.35
O3 GOL E . -10.99 -0.77 2.65
C1 GOL F . -15.40 -7.58 -1.80
O1 GOL F . -16.00 -7.00 -0.65
C2 GOL F . -15.13 -6.48 -2.84
O2 GOL F . -16.33 -5.67 -2.96
C3 GOL F . -14.76 -7.13 -4.19
O3 GOL F . -15.97 -7.63 -4.80
C ACT G . -6.14 -8.94 -13.46
O ACT G . -6.49 -7.96 -14.21
OXT ACT G . -5.63 -10.01 -14.02
CH3 ACT G . -6.36 -8.78 -11.98
C ACT H . 0.62 -23.74 -6.68
O ACT H . 0.31 -22.59 -7.14
OXT ACT H . 1.68 -23.84 -6.00
CH3 ACT H . -0.23 -24.96 -6.94
C ACT I . 12.97 -6.65 -16.69
O ACT I . 13.04 -5.70 -15.89
OXT ACT I . 11.88 -6.97 -17.25
CH3 ACT I . 14.22 -7.37 -17.01
C1 GOL J . -6.44 -15.15 -19.64
O1 GOL J . -7.76 -15.32 -19.16
C2 GOL J . -5.92 -16.33 -20.47
O2 GOL J . -6.87 -16.69 -21.46
C3 GOL J . -4.59 -16.04 -21.17
O3 GOL J . -3.83 -14.97 -20.63
C ACT K . 7.08 -5.22 6.46
O ACT K . 7.12 -6.08 7.36
OXT ACT K . 5.93 -4.97 6.07
CH3 ACT K . 8.36 -4.60 5.94
C ACT L . 15.87 -10.16 -15.12
O ACT L . 15.26 -10.71 -14.17
OXT ACT L . 15.41 -9.06 -15.48
CH3 ACT L . 17.09 -10.77 -15.81
C ACT M . 2.97 5.91 -4.29
O ACT M . 3.85 5.29 -3.67
OXT ACT M . 2.33 6.70 -3.58
CH3 ACT M . 2.77 5.69 -5.77
C ACT N . -11.58 7.08 12.24
O ACT N . -12.42 7.09 13.20
OXT ACT N . -10.51 6.35 12.27
CH3 ACT N . -11.85 7.90 11.00
#